data_2V8P
#
_entry.id   2V8P
#
_cell.length_a   137.055
_cell.length_b   137.055
_cell.length_c   137.055
_cell.angle_alpha   90.00
_cell.angle_beta   90.00
_cell.angle_gamma   90.00
#
_symmetry.space_group_name_H-M   'P 21 3'
#
loop_
_entity.id
_entity.type
_entity.pdbx_description
1 polymer '4-DIPHOSPHOCYTIDYL-2-C-METHYL-D-ERYTHRITOL KINASE'
2 non-polymer "CYTIDINE-5'-DIPHOSPHATE"
3 non-polymer "ADENOSINE-5'-DIPHOSPHATE"
4 non-polymer 'SULFATE ION'
5 non-polymer 'CHLORIDE ION'
6 water water
#
_entity_poly.entity_id   1
_entity_poly.type   'polypeptide(L)'
_entity_poly.pdbx_seq_one_letter_code
;GSHMIKVLSPAKINLGLWVLGRLPSGYHEILTLYQEIPFYDEIYIREGVLRVETNIGIPQEENLVYKGLREFERITGIEI
NYSIFIQKNIPPGAGLGGGSSNLAVVLKKVNELLGSPLSEEELRELVGSISADAPFFLLGKSAIGRGKGEVLEPVETEIS
GKITLVIPQVSSSTGRVYSSLREEHFVTPEYAEEKIQRIISGEVEEIENVLGDIARELYPEINEVYRFVEYLGFKPFVSG
SGSTVYFFGGASEELKKAAKMRGWKVVELEL
;
_entity_poly.pdbx_strand_id   A,B
#
# COMPACT_ATOMS: atom_id res chain seq x y z
N SER A 2 27.45 5.25 44.99
CA SER A 2 28.32 4.09 45.39
C SER A 2 27.89 2.80 44.69
N HIS A 3 28.89 1.95 44.40
CA HIS A 3 28.71 0.71 43.62
C HIS A 3 28.13 0.96 42.22
N MET A 4 28.68 1.96 41.53
CA MET A 4 28.17 2.43 40.25
C MET A 4 28.11 1.33 39.21
N ILE A 5 26.94 1.21 38.57
CA ILE A 5 26.78 0.39 37.39
C ILE A 5 26.21 1.22 36.24
N LYS A 6 26.56 0.83 35.02
CA LYS A 6 26.05 1.49 33.84
C LYS A 6 25.13 0.58 33.04
N VAL A 7 24.07 1.15 32.50
N VAL A 7 24.05 1.15 32.53
CA VAL A 7 23.14 0.44 31.64
CA VAL A 7 23.15 0.46 31.63
C VAL A 7 22.86 1.30 30.40
C VAL A 7 22.90 1.31 30.39
N LEU A 8 22.82 0.64 29.24
CA LEU A 8 22.45 1.31 27.99
C LEU A 8 20.93 1.41 27.86
N SER A 9 20.48 2.50 27.27
CA SER A 9 19.06 2.73 27.01
C SER A 9 18.86 3.04 25.52
N PRO A 10 18.46 2.02 24.73
CA PRO A 10 18.37 2.12 23.27
C PRO A 10 17.18 2.91 22.73
N ALA A 11 17.28 3.39 21.50
CA ALA A 11 16.17 4.06 20.84
C ALA A 11 15.33 3.04 20.05
N LYS A 12 14.15 3.46 19.61
CA LYS A 12 13.37 2.67 18.65
C LYS A 12 13.01 3.52 17.44
N ILE A 13 12.75 2.85 16.32
CA ILE A 13 11.99 3.47 15.24
C ILE A 13 10.72 2.67 15.00
N ASN A 14 9.66 3.34 14.55
CA ASN A 14 8.50 2.61 14.03
C ASN A 14 8.71 2.36 12.56
N LEU A 15 8.75 1.08 12.18
CA LEU A 15 8.80 0.65 10.78
C LEU A 15 7.36 0.56 10.26
N GLY A 16 6.69 1.69 10.24
CA GLY A 16 5.27 1.76 9.91
C GLY A 16 4.42 1.98 11.15
N LEU A 17 3.39 2.80 11.02
CA LEU A 17 2.42 3.02 12.09
C LEU A 17 1.05 3.30 11.50
N TRP A 18 0.03 2.65 12.06
CA TRP A 18 -1.35 2.80 11.59
C TRP A 18 -2.27 3.05 12.77
N VAL A 19 -3.19 4.01 12.60
CA VAL A 19 -4.17 4.32 13.64
C VAL A 19 -5.50 3.61 13.31
N LEU A 20 -5.95 2.78 14.23
CA LEU A 20 -7.07 1.88 13.99
C LEU A 20 -8.42 2.39 14.56
N GLY A 21 -8.35 3.26 15.56
CA GLY A 21 -9.55 3.74 16.21
C GLY A 21 -9.33 4.64 17.40
N ARG A 22 -10.42 5.14 17.97
N ARG A 22 -10.42 5.10 18.00
CA ARG A 22 -10.40 5.98 19.17
CA ARG A 22 -10.37 5.96 19.17
C ARG A 22 -10.93 5.20 20.37
C ARG A 22 -10.94 5.22 20.37
N LEU A 23 -10.15 5.17 21.44
CA LEU A 23 -10.49 4.41 22.65
C LEU A 23 -11.32 5.24 23.64
N PRO A 24 -12.00 4.58 24.59
CA PRO A 24 -12.80 5.31 25.60
C PRO A 24 -12.01 6.37 26.37
N SER A 25 -10.72 6.13 26.57
CA SER A 25 -9.81 7.09 27.21
C SER A 25 -9.57 8.38 26.40
N GLY A 26 -9.82 8.31 25.09
CA GLY A 26 -9.48 9.41 24.17
C GLY A 26 -8.16 9.16 23.48
N TYR A 27 -7.42 8.15 23.96
CA TYR A 27 -6.22 7.67 23.28
C TYR A 27 -6.61 6.92 22.01
N HIS A 28 -5.64 6.69 21.13
CA HIS A 28 -5.89 6.00 19.87
C HIS A 28 -5.33 4.60 19.89
N GLU A 29 -6.06 3.66 19.28
CA GLU A 29 -5.54 2.31 19.06
C GLU A 29 -4.63 2.33 17.84
N ILE A 30 -3.52 1.62 17.93
CA ILE A 30 -2.54 1.59 16.85
C ILE A 30 -2.10 0.17 16.51
N LEU A 31 -1.55 0.04 15.30
CA LEU A 31 -0.69 -1.09 14.95
C LEU A 31 0.63 -0.47 14.52
N THR A 32 1.73 -1.05 14.99
CA THR A 32 3.06 -0.56 14.62
C THR A 32 4.09 -1.68 14.67
N LEU A 33 5.19 -1.51 13.94
CA LEU A 33 6.33 -2.40 14.03
C LEU A 33 7.49 -1.66 14.70
N TYR A 34 7.72 -2.00 15.97
CA TYR A 34 8.83 -1.44 16.75
C TYR A 34 10.15 -2.07 16.34
N GLN A 35 11.17 -1.23 16.17
CA GLN A 35 12.53 -1.73 15.91
C GLN A 35 13.56 -1.06 16.80
N GLU A 36 14.16 -1.85 17.69
CA GLU A 36 15.27 -1.38 18.53
C GLU A 36 16.47 -1.10 17.62
N ILE A 37 17.08 0.07 17.81
CA ILE A 37 18.24 0.51 17.05
C ILE A 37 19.45 0.78 17.97
N PRO A 38 20.69 0.53 17.48
CA PRO A 38 21.92 0.78 18.25
C PRO A 38 22.27 2.26 18.43
N PHE A 39 21.42 2.97 19.15
CA PHE A 39 21.55 4.38 19.44
C PHE A 39 21.08 4.53 20.88
N TYR A 40 21.99 4.96 21.75
CA TYR A 40 21.81 4.79 23.20
C TYR A 40 21.93 6.04 24.04
N ASP A 41 21.10 6.12 25.07
CA ASP A 41 21.34 6.98 26.23
C ASP A 41 22.25 6.21 27.18
N GLU A 42 23.08 6.95 27.92
CA GLU A 42 23.94 6.36 28.95
C GLU A 42 23.35 6.64 30.32
N ILE A 43 23.11 5.57 31.08
CA ILE A 43 22.54 5.70 32.43
C ILE A 43 23.48 5.19 33.52
N TYR A 44 23.73 6.06 34.50
CA TYR A 44 24.55 5.73 35.67
C TYR A 44 23.65 5.49 36.88
N ILE A 45 23.73 4.28 37.45
CA ILE A 45 22.93 3.93 38.62
C ILE A 45 23.82 3.78 39.86
N ARG A 46 23.55 4.61 40.86
CA ARG A 46 24.34 4.63 42.10
C ARG A 46 23.45 4.47 43.32
N GLU A 47 23.98 3.84 44.36
CA GLU A 47 23.32 3.81 45.66
C GLU A 47 23.34 5.21 46.27
N GLY A 48 22.20 5.64 46.82
CA GLY A 48 22.07 6.98 47.39
C GLY A 48 20.64 7.42 47.51
N VAL A 49 20.42 8.71 47.75
CA VAL A 49 19.07 9.27 47.81
C VAL A 49 18.41 9.13 46.42
N LEU A 50 17.13 8.76 46.41
CA LEU A 50 16.35 8.68 45.17
C LEU A 50 16.47 9.99 44.40
N ARG A 51 17.16 9.92 43.26
N ARG A 51 17.12 9.91 43.24
CA ARG A 51 17.41 11.09 42.45
CA ARG A 51 17.49 11.07 42.44
C ARG A 51 17.45 10.71 40.97
C ARG A 51 17.45 10.69 40.96
N VAL A 52 16.87 11.56 40.13
CA VAL A 52 16.88 11.37 38.67
C VAL A 52 17.33 12.66 37.99
N GLU A 53 18.59 12.69 37.57
CA GLU A 53 19.14 13.85 36.87
C GLU A 53 19.48 13.50 35.43
N THR A 54 19.46 14.51 34.56
CA THR A 54 19.90 14.37 33.17
C THR A 54 20.96 15.42 32.86
N ASN A 55 21.46 15.39 31.62
CA ASN A 55 22.45 16.37 31.16
C ASN A 55 21.84 17.40 30.21
N ILE A 56 20.50 17.42 30.16
CA ILE A 56 19.77 18.34 29.27
C ILE A 56 18.65 19.10 29.99
N GLY A 57 18.69 19.06 31.33
CA GLY A 57 17.79 19.85 32.16
C GLY A 57 16.33 19.45 32.16
N ILE A 58 16.05 18.14 32.16
CA ILE A 58 14.68 17.66 32.33
C ILE A 58 14.35 17.72 33.82
N PRO A 59 13.28 18.46 34.18
CA PRO A 59 12.89 18.55 35.58
C PRO A 59 12.58 17.15 36.12
N GLN A 60 13.14 16.82 37.28
CA GLN A 60 13.01 15.50 37.89
C GLN A 60 11.56 15.03 38.05
N GLU A 61 10.67 15.96 38.40
CA GLU A 61 9.25 15.65 38.58
C GLU A 61 8.60 15.23 37.27
N GLU A 62 9.07 15.81 36.16
CA GLU A 62 8.56 15.49 34.82
C GLU A 62 9.15 14.21 34.25
N ASN A 63 10.28 13.77 34.81
CA ASN A 63 11.02 12.62 34.30
C ASN A 63 10.29 11.30 34.48
N LEU A 64 10.08 10.58 33.37
CA LEU A 64 9.37 9.30 33.35
C LEU A 64 10.01 8.27 34.28
N VAL A 65 11.34 8.33 34.41
CA VAL A 65 12.08 7.41 35.26
C VAL A 65 11.74 7.64 36.74
N TYR A 66 11.64 8.91 37.12
CA TYR A 66 11.27 9.27 38.49
C TYR A 66 9.83 8.86 38.79
N LYS A 67 8.92 9.14 37.85
CA LYS A 67 7.51 8.74 37.97
C LYS A 67 7.38 7.22 38.09
N GLY A 68 8.29 6.49 37.45
CA GLY A 68 8.32 5.04 37.50
C GLY A 68 8.79 4.50 38.82
N LEU A 69 9.91 5.03 39.31
CA LEU A 69 10.53 4.61 40.57
C LEU A 69 9.68 4.95 41.79
N ARG A 70 8.96 6.07 41.71
CA ARG A 70 8.06 6.50 42.78
C ARG A 70 6.80 5.64 42.85
N GLU A 71 6.32 5.22 41.67
CA GLU A 71 5.20 4.30 41.57
C GLU A 71 5.64 2.91 42.02
N PHE A 72 6.90 2.57 41.74
CA PHE A 72 7.52 1.34 42.22
C PHE A 72 7.40 1.33 43.75
N GLU A 73 7.87 2.41 44.38
CA GLU A 73 7.81 2.59 45.85
C GLU A 73 6.39 2.47 46.40
N ARG A 74 5.43 3.11 45.73
CA ARG A 74 4.03 3.11 46.14
C ARG A 74 3.40 1.72 46.08
N ILE A 75 3.70 0.99 45.01
CA ILE A 75 3.14 -0.37 44.78
C ILE A 75 3.74 -1.40 45.74
N THR A 76 5.06 -1.34 45.89
CA THR A 76 5.82 -2.41 46.52
C THR A 76 6.12 -2.16 48.00
N GLY A 77 5.94 -0.92 48.44
CA GLY A 77 6.24 -0.52 49.82
C GLY A 77 7.72 -0.42 50.14
N ILE A 78 8.57 -0.82 49.20
CA ILE A 78 10.03 -0.79 49.35
C ILE A 78 10.55 0.61 49.03
N GLU A 79 11.52 1.06 49.83
CA GLU A 79 12.17 2.35 49.61
C GLU A 79 13.29 2.20 48.58
N ILE A 80 13.19 2.96 47.49
CA ILE A 80 14.21 2.95 46.45
C ILE A 80 15.30 3.94 46.81
N ASN A 81 16.49 3.41 47.09
CA ASN A 81 17.65 4.24 47.40
C ASN A 81 18.69 4.19 46.28
N TYR A 82 18.34 4.78 45.15
CA TYR A 82 19.23 4.84 43.99
C TYR A 82 19.26 6.22 43.36
N SER A 83 20.46 6.68 43.03
CA SER A 83 20.67 7.90 42.25
C SER A 83 20.83 7.55 40.79
N ILE A 84 20.03 8.19 39.95
CA ILE A 84 20.04 7.94 38.51
C ILE A 84 20.53 9.18 37.78
N PHE A 85 21.56 9.01 36.96
CA PHE A 85 21.96 10.05 36.03
C PHE A 85 21.90 9.55 34.59
N ILE A 86 21.18 10.28 33.76
CA ILE A 86 20.99 9.89 32.36
C ILE A 86 21.67 10.90 31.44
N GLN A 87 22.61 10.41 30.65
CA GLN A 87 23.18 11.20 29.55
C GLN A 87 22.29 11.02 28.32
N LYS A 88 21.58 12.10 27.99
CA LYS A 88 20.53 12.08 26.96
C LYS A 88 21.04 12.31 25.53
N ASN A 89 21.34 11.23 24.84
CA ASN A 89 21.78 11.29 23.44
C ASN A 89 20.60 11.23 22.46
N ILE A 90 19.58 10.46 22.84
CA ILE A 90 18.32 10.36 22.09
C ILE A 90 17.51 11.61 22.36
N PRO A 91 17.37 12.49 21.36
CA PRO A 91 16.68 13.77 21.57
C PRO A 91 15.20 13.58 21.98
N PRO A 92 14.75 14.31 23.00
CA PRO A 92 13.32 14.34 23.33
C PRO A 92 12.46 14.90 22.21
N GLY A 93 11.40 14.17 21.85
CA GLY A 93 10.45 14.61 20.83
C GLY A 93 10.90 14.28 19.43
N ALA A 94 11.82 13.33 19.32
CA ALA A 94 12.32 12.88 18.04
C ALA A 94 11.57 11.65 17.52
N GLY A 95 10.58 11.19 18.29
CA GLY A 95 9.79 10.01 17.92
C GLY A 95 10.55 8.71 18.07
N LEU A 96 11.56 8.72 18.92
CA LEU A 96 12.46 7.59 19.09
C LEU A 96 12.29 6.89 20.44
N GLY A 97 11.31 7.36 21.22
CA GLY A 97 10.95 6.72 22.48
C GLY A 97 12.05 6.67 23.54
N GLY A 98 12.85 7.73 23.59
CA GLY A 98 13.98 7.82 24.53
C GLY A 98 13.56 7.78 26.00
N GLY A 99 12.52 8.55 26.33
CA GLY A 99 11.96 8.57 27.69
C GLY A 99 11.42 7.23 28.12
N SER A 100 10.65 6.59 27.23
CA SER A 100 10.09 5.27 27.47
C SER A 100 11.17 4.20 27.65
N SER A 101 12.24 4.29 26.85
CA SER A 101 13.39 3.40 26.98
C SER A 101 14.07 3.57 28.35
N ASN A 102 14.37 4.82 28.70
CA ASN A 102 14.94 5.16 30.02
C ASN A 102 14.11 4.54 31.13
N LEU A 103 12.81 4.84 31.13
CA LEU A 103 11.85 4.26 32.08
C LEU A 103 11.95 2.74 32.18
N ALA A 104 11.94 2.07 31.03
CA ALA A 104 11.93 0.61 30.99
C ALA A 104 13.23 0.00 31.50
N VAL A 105 14.38 0.50 31.05
CA VAL A 105 15.67 -0.10 31.41
C VAL A 105 16.03 0.11 32.89
N VAL A 106 15.72 1.29 33.43
CA VAL A 106 16.03 1.59 34.84
C VAL A 106 15.17 0.72 35.78
N LEU A 107 13.86 0.67 35.51
CA LEU A 107 12.96 -0.11 36.35
C LEU A 107 13.23 -1.62 36.32
N LYS A 108 13.54 -2.15 35.14
CA LYS A 108 13.97 -3.55 35.03
C LYS A 108 15.23 -3.84 35.87
N LYS A 109 16.20 -2.92 35.84
CA LYS A 109 17.45 -3.10 36.58
C LYS A 109 17.29 -2.91 38.09
N VAL A 110 16.53 -1.90 38.49
CA VAL A 110 16.24 -1.63 39.89
C VAL A 110 15.45 -2.78 40.52
N ASN A 111 14.48 -3.30 39.77
CA ASN A 111 13.74 -4.51 40.16
C ASN A 111 14.68 -5.68 40.44
N GLU A 112 15.60 -5.93 39.51
CA GLU A 112 16.61 -7.00 39.64
C GLU A 112 17.54 -6.77 40.85
N LEU A 113 17.93 -5.53 41.07
CA LEU A 113 18.78 -5.15 42.21
C LEU A 113 18.07 -5.33 43.55
N LEU A 114 16.76 -5.16 43.57
CA LEU A 114 15.96 -5.31 44.79
C LEU A 114 15.44 -6.74 44.98
N GLY A 115 16.02 -7.69 44.25
CA GLY A 115 15.66 -9.10 44.36
C GLY A 115 14.38 -9.47 43.63
N SER A 116 14.05 -8.69 42.59
CA SER A 116 12.89 -8.93 41.73
C SER A 116 11.52 -9.01 42.45
N PRO A 117 11.16 -7.98 43.23
CA PRO A 117 9.84 -7.98 43.90
C PRO A 117 8.65 -7.93 42.92
N LEU A 118 8.90 -7.53 41.68
CA LEU A 118 7.87 -7.50 40.65
C LEU A 118 8.11 -8.58 39.62
N SER A 119 7.04 -9.28 39.24
CA SER A 119 7.12 -10.27 38.16
C SER A 119 7.19 -9.55 36.81
N GLU A 120 7.43 -10.31 35.73
CA GLU A 120 7.49 -9.72 34.40
CA GLU A 120 7.48 -9.75 34.38
C GLU A 120 6.19 -9.00 34.07
N GLU A 121 5.07 -9.62 34.43
CA GLU A 121 3.73 -9.06 34.23
C GLU A 121 3.57 -7.74 34.98
N GLU A 122 4.06 -7.71 36.22
CA GLU A 122 3.91 -6.55 37.10
C GLU A 122 4.81 -5.40 36.70
N LEU A 123 6.03 -5.72 36.29
CA LEU A 123 6.97 -4.73 35.76
C LEU A 123 6.41 -4.10 34.47
N ARG A 124 5.99 -4.95 33.54
CA ARG A 124 5.43 -4.50 32.26
C ARG A 124 4.20 -3.61 32.42
N GLU A 125 3.26 -4.02 33.27
CA GLU A 125 2.07 -3.21 33.55
C GLU A 125 2.40 -1.88 34.21
N LEU A 126 3.44 -1.88 35.05
CA LEU A 126 3.89 -0.66 35.72
C LEU A 126 4.39 0.38 34.72
N VAL A 127 5.38 0.00 33.92
CA VAL A 127 5.97 0.92 32.91
C VAL A 127 4.92 1.35 31.86
N GLY A 128 4.03 0.43 31.50
CA GLY A 128 2.94 0.68 30.54
C GLY A 128 1.92 1.67 31.03
N SER A 129 1.67 1.67 32.35
CA SER A 129 0.76 2.63 32.97
C SER A 129 1.28 4.06 32.85
N ILE A 130 2.61 4.21 32.74
CA ILE A 130 3.25 5.52 32.56
C ILE A 130 3.45 5.87 31.07
N SER A 131 3.85 4.87 30.27
CA SER A 131 4.11 5.06 28.85
C SER A 131 3.86 3.80 28.01
N ALA A 132 3.03 3.94 26.97
CA ALA A 132 2.66 2.81 26.09
C ALA A 132 3.84 2.24 25.29
N ASP A 133 4.82 3.09 24.97
CA ASP A 133 6.05 2.67 24.27
C ASP A 133 7.07 1.93 25.14
N ALA A 134 6.90 2.02 26.46
CA ALA A 134 7.88 1.46 27.41
C ALA A 134 8.03 -0.08 27.40
N PRO A 135 6.90 -0.83 27.49
CA PRO A 135 7.00 -2.29 27.45
C PRO A 135 7.83 -2.88 26.30
N PHE A 136 7.84 -2.21 25.13
CA PHE A 136 8.69 -2.67 24.04
C PHE A 136 10.15 -2.79 24.48
N PHE A 137 10.62 -1.82 25.23
CA PHE A 137 12.02 -1.79 25.66
C PHE A 137 12.38 -2.83 26.73
N LEU A 138 11.37 -3.55 27.23
CA LEU A 138 11.60 -4.72 28.07
C LEU A 138 11.84 -5.96 27.23
N LEU A 139 11.60 -5.84 25.92
CA LEU A 139 11.85 -6.92 24.97
C LEU A 139 13.00 -6.59 24.02
N GLY A 140 12.97 -5.37 23.47
CA GLY A 140 13.92 -4.97 22.43
C GLY A 140 13.76 -5.79 21.17
N LYS A 141 14.76 -5.70 20.30
CA LYS A 141 14.76 -6.36 18.99
C LYS A 141 13.59 -5.88 18.11
N SER A 142 12.82 -6.82 17.57
CA SER A 142 11.70 -6.49 16.68
C SER A 142 10.39 -7.01 17.25
N ALA A 143 9.39 -6.13 17.29
CA ALA A 143 8.05 -6.51 17.78
C ALA A 143 6.92 -5.70 17.14
N ILE A 144 5.83 -6.40 16.80
CA ILE A 144 4.56 -5.77 16.47
C ILE A 144 3.92 -5.23 17.76
N GLY A 145 3.52 -3.96 17.75
CA GLY A 145 2.83 -3.35 18.88
C GLY A 145 1.34 -3.14 18.61
N ARG A 146 0.50 -3.59 19.54
CA ARG A 146 -0.94 -3.44 19.44
C ARG A 146 -1.52 -2.69 20.66
N GLY A 147 -2.84 -2.47 20.64
CA GLY A 147 -3.48 -1.62 21.64
C GLY A 147 -3.03 -0.20 21.42
N LYS A 148 -2.28 0.33 22.39
CA LYS A 148 -1.62 1.63 22.24
C LYS A 148 -0.12 1.42 21.98
N GLY A 149 0.27 0.17 21.79
CA GLY A 149 1.67 -0.20 21.58
C GLY A 149 2.20 -1.18 22.60
N GLU A 150 1.50 -1.30 23.73
CA GLU A 150 1.93 -2.10 24.88
C GLU A 150 1.64 -3.60 24.75
N VAL A 151 0.76 -3.96 23.83
CA VAL A 151 0.46 -5.38 23.56
C VAL A 151 1.40 -5.80 22.43
N LEU A 152 2.39 -6.61 22.78
CA LEU A 152 3.50 -6.87 21.88
C LEU A 152 3.57 -8.30 21.39
N GLU A 153 4.07 -8.44 20.17
CA GLU A 153 4.33 -9.73 19.57
C GLU A 153 5.72 -9.70 18.94
N PRO A 154 6.70 -10.36 19.58
CA PRO A 154 8.05 -10.45 19.02
C PRO A 154 8.04 -11.10 17.64
N VAL A 155 8.74 -10.49 16.70
CA VAL A 155 8.88 -11.05 15.36
C VAL A 155 10.33 -11.03 14.90
N GLU A 156 10.62 -11.85 13.89
CA GLU A 156 11.90 -11.86 13.22
C GLU A 156 11.72 -11.34 11.79
N THR A 157 12.41 -10.25 11.47
CA THR A 157 12.27 -9.60 10.17
C THR A 157 13.41 -9.96 9.21
N GLU A 158 13.18 -9.76 7.93
CA GLU A 158 14.21 -9.91 6.90
C GLU A 158 14.84 -8.55 6.55
N ILE A 159 14.72 -7.60 7.47
CA ILE A 159 15.30 -6.27 7.30
C ILE A 159 16.71 -6.23 7.90
N SER A 160 17.68 -5.91 7.05
CA SER A 160 19.06 -5.72 7.47
C SER A 160 19.71 -4.67 6.61
N GLY A 161 20.88 -4.20 7.03
CA GLY A 161 21.65 -3.23 6.25
C GLY A 161 21.69 -1.87 6.90
N LYS A 162 21.94 -0.85 6.09
CA LYS A 162 22.11 0.53 6.59
C LYS A 162 20.78 1.27 6.79
N ILE A 163 20.70 2.00 7.90
CA ILE A 163 19.59 2.89 8.20
C ILE A 163 20.18 4.17 8.74
N THR A 164 19.76 5.30 8.18
CA THR A 164 20.27 6.58 8.63
C THR A 164 19.13 7.45 9.17
N LEU A 165 19.35 8.02 10.35
CA LEU A 165 18.39 8.94 10.94
C LEU A 165 18.83 10.36 10.65
N VAL A 166 17.88 11.22 10.33
CA VAL A 166 18.13 12.64 10.17
C VAL A 166 17.16 13.36 11.09
N ILE A 167 17.69 13.88 12.18
CA ILE A 167 16.85 14.43 13.26
C ILE A 167 16.84 15.95 13.22
N PRO A 168 15.66 16.54 12.93
CA PRO A 168 15.48 17.99 12.92
C PRO A 168 15.62 18.55 14.33
N GLN A 169 15.69 19.87 14.44
N GLN A 169 15.71 19.87 14.43
CA GLN A 169 15.79 20.53 15.74
CA GLN A 169 15.79 20.55 15.73
C GLN A 169 14.45 20.63 16.47
C GLN A 169 14.44 20.57 16.45
N VAL A 170 13.38 20.90 15.71
CA VAL A 170 12.03 21.01 16.29
C VAL A 170 11.59 19.71 16.98
N SER A 171 11.01 19.87 18.16
CA SER A 171 10.55 18.76 18.97
C SER A 171 9.09 18.53 18.66
N SER A 172 8.77 17.32 18.19
CA SER A 172 7.41 16.99 17.80
C SER A 172 6.54 16.63 19.01
N SER A 173 5.39 17.28 19.13
CA SER A 173 4.44 16.96 20.19
C SER A 173 3.45 15.88 19.74
N THR A 174 3.50 14.73 20.41
CA THR A 174 2.61 13.60 20.13
C THR A 174 1.15 13.98 20.31
N GLY A 175 0.87 14.75 21.35
CA GLY A 175 -0.49 15.26 21.62
C GLY A 175 -1.08 16.09 20.51
N ARG A 176 -0.27 17.04 19.98
CA ARG A 176 -0.73 17.91 18.90
CA ARG A 176 -0.71 17.92 18.90
C ARG A 176 -0.98 17.14 17.61
N VAL A 177 -0.09 16.17 17.32
CA VAL A 177 -0.20 15.34 16.12
C VAL A 177 -1.48 14.47 16.10
N TYR A 178 -1.76 13.79 17.21
CA TYR A 178 -2.99 13.00 17.33
C TYR A 178 -4.27 13.85 17.27
N SER A 179 -4.18 15.09 17.76
N SER A 179 -4.19 15.07 17.77
CA SER A 179 -5.32 16.00 17.77
CA SER A 179 -5.31 16.02 17.77
C SER A 179 -5.74 16.48 16.38
C SER A 179 -5.74 16.40 16.36
N SER A 180 -4.76 16.54 15.47
CA SER A 180 -5.02 16.95 14.09
C SER A 180 -5.48 15.77 13.22
N LEU A 181 -5.41 14.57 13.79
CA LEU A 181 -5.78 13.36 13.10
C LEU A 181 -7.28 13.31 12.81
N ARG A 182 -7.61 13.32 11.52
N ARG A 182 -7.60 13.28 11.51
CA ARG A 182 -9.00 13.21 11.07
CA ARG A 182 -8.99 13.21 11.05
C ARG A 182 -9.43 11.76 11.02
C ARG A 182 -9.45 11.76 10.98
N GLU A 183 -10.70 11.52 11.39
CA GLU A 183 -11.27 10.18 11.48
C GLU A 183 -11.14 9.38 10.17
N GLU A 184 -10.82 10.08 9.09
N GLU A 184 -10.83 10.08 9.09
CA GLU A 184 -10.64 9.46 7.77
CA GLU A 184 -10.64 9.46 7.77
C GLU A 184 -9.20 8.96 7.53
C GLU A 184 -9.22 8.91 7.57
N HIS A 185 -8.27 9.38 8.40
CA HIS A 185 -6.89 8.89 8.37
C HIS A 185 -6.77 7.49 8.98
N PHE A 186 -7.85 7.05 9.62
CA PHE A 186 -7.87 5.73 10.27
C PHE A 186 -7.91 4.63 9.22
N VAL A 187 -7.38 3.47 9.58
CA VAL A 187 -7.44 2.28 8.72
C VAL A 187 -7.94 1.09 9.52
N THR A 188 -8.36 0.03 8.82
CA THR A 188 -8.73 -1.22 9.45
C THR A 188 -7.51 -1.98 9.93
N PRO A 189 -7.63 -2.78 11.00
CA PRO A 189 -6.52 -3.65 11.42
C PRO A 189 -6.06 -4.60 10.33
N GLU A 190 -6.99 -5.05 9.49
CA GLU A 190 -6.68 -5.99 8.41
C GLU A 190 -5.76 -5.38 7.36
N TYR A 191 -6.05 -4.14 6.96
CA TYR A 191 -5.18 -3.40 6.05
C TYR A 191 -3.77 -3.28 6.62
N ALA A 192 -3.68 -2.81 7.87
CA ALA A 192 -2.40 -2.59 8.56
C ALA A 192 -1.61 -3.88 8.73
N GLU A 193 -2.32 -4.97 9.00
CA GLU A 193 -1.70 -6.30 9.15
C GLU A 193 -1.01 -6.79 7.90
N GLU A 194 -1.66 -6.64 6.75
CA GLU A 194 -1.05 -6.95 5.46
C GLU A 194 0.23 -6.12 5.25
N LYS A 195 0.13 -4.82 5.48
CA LYS A 195 1.27 -3.91 5.36
C LYS A 195 2.45 -4.36 6.23
N ILE A 196 2.18 -4.65 7.50
CA ILE A 196 3.21 -5.07 8.45
C ILE A 196 3.90 -6.38 8.05
N GLN A 197 3.11 -7.38 7.63
CA GLN A 197 3.63 -8.66 7.16
C GLN A 197 4.63 -8.48 6.01
N ARG A 198 4.29 -7.59 5.07
CA ARG A 198 5.18 -7.24 3.95
C ARG A 198 6.49 -6.61 4.41
N ILE A 199 6.39 -5.70 5.37
CA ILE A 199 7.55 -5.01 5.94
C ILE A 199 8.47 -6.00 6.66
N ILE A 200 7.88 -6.91 7.43
CA ILE A 200 8.63 -7.99 8.10
C ILE A 200 9.40 -8.85 7.07
N SER A 201 8.76 -9.17 5.95
CA SER A 201 9.43 -9.91 4.87
C SER A 201 10.58 -9.13 4.21
N GLY A 202 10.74 -7.85 4.58
CA GLY A 202 11.82 -7.03 4.06
C GLY A 202 11.39 -5.96 3.05
N GLU A 203 10.09 -5.88 2.78
CA GLU A 203 9.57 -4.90 1.82
C GLU A 203 9.37 -3.55 2.50
N VAL A 204 10.48 -2.84 2.68
CA VAL A 204 10.51 -1.58 3.42
C VAL A 204 9.77 -0.43 2.72
N GLU A 205 9.61 -0.52 1.40
N GLU A 205 9.64 -0.55 1.40
CA GLU A 205 8.84 0.49 0.66
CA GLU A 205 8.85 0.34 0.58
C GLU A 205 7.37 0.50 1.14
C GLU A 205 7.40 0.46 1.09
N GLU A 206 6.94 -0.58 1.79
CA GLU A 206 5.59 -0.66 2.34
C GLU A 206 5.36 0.11 3.65
N ILE A 207 6.44 0.67 4.21
CA ILE A 207 6.34 1.49 5.43
C ILE A 207 5.56 2.79 5.13
N GLU A 208 4.66 3.14 6.04
CA GLU A 208 3.95 4.41 6.01
C GLU A 208 3.52 4.74 7.42
N ASN A 209 3.17 6.00 7.65
CA ASN A 209 2.86 6.51 8.96
C ASN A 209 2.07 7.79 8.81
N VAL A 210 0.78 7.75 9.13
CA VAL A 210 -0.07 8.92 9.00
C VAL A 210 0.32 10.05 9.98
N LEU A 211 0.84 9.68 11.15
CA LEU A 211 1.31 10.68 12.12
C LEU A 211 2.46 11.51 11.55
N GLY A 212 3.28 10.89 10.72
CA GLY A 212 4.35 11.56 9.97
C GLY A 212 3.83 12.56 8.94
N ASP A 213 2.78 12.16 8.20
CA ASP A 213 2.06 13.07 7.30
C ASP A 213 1.62 14.34 8.03
N ILE A 214 1.06 14.16 9.23
CA ILE A 214 0.58 15.26 10.05
C ILE A 214 1.73 16.09 10.63
N ALA A 215 2.72 15.42 11.23
CA ALA A 215 3.93 16.08 11.75
C ALA A 215 4.56 16.99 10.71
N ARG A 216 4.61 16.53 9.45
CA ARG A 216 5.14 17.32 8.34
C ARG A 216 4.32 18.56 8.01
N GLU A 217 3.01 18.49 8.28
CA GLU A 217 2.13 19.63 8.07
CA GLU A 217 2.10 19.61 8.08
C GLU A 217 2.21 20.62 9.22
N LEU A 218 2.43 20.11 10.43
CA LEU A 218 2.49 20.93 11.63
C LEU A 218 3.85 21.58 11.83
N TYR A 219 4.92 20.83 11.58
CA TYR A 219 6.28 21.32 11.76
C TYR A 219 7.05 21.30 10.44
N PRO A 220 7.06 22.44 9.72
CA PRO A 220 7.71 22.59 8.41
C PRO A 220 9.13 22.05 8.31
N GLU A 221 9.91 22.11 9.40
CA GLU A 221 11.29 21.58 9.39
C GLU A 221 11.37 20.07 9.17
N ILE A 222 10.37 19.33 9.67
CA ILE A 222 10.27 17.89 9.44
C ILE A 222 10.05 17.65 7.94
N ASN A 223 9.16 18.44 7.36
CA ASN A 223 8.89 18.41 5.92
C ASN A 223 10.13 18.75 5.09
N GLU A 224 10.89 19.76 5.54
N GLU A 224 10.89 19.77 5.54
CA GLU A 224 12.17 20.13 4.91
CA GLU A 224 12.16 20.14 4.93
C GLU A 224 13.13 18.95 4.89
C GLU A 224 13.14 18.96 4.89
N VAL A 225 13.24 18.24 6.02
CA VAL A 225 14.12 17.08 6.11
C VAL A 225 13.63 15.95 5.21
N TYR A 226 12.31 15.73 5.22
CA TYR A 226 11.67 14.73 4.36
C TYR A 226 11.98 15.02 2.89
N ARG A 227 11.70 16.26 2.45
CA ARG A 227 11.97 16.68 1.07
C ARG A 227 13.45 16.56 0.70
N PHE A 228 14.34 16.91 1.63
CA PHE A 228 15.77 16.83 1.37
C PHE A 228 16.25 15.40 1.16
N VAL A 229 15.73 14.47 1.96
CA VAL A 229 16.02 13.04 1.78
C VAL A 229 15.53 12.53 0.42
N GLU A 230 14.38 13.04 -0.03
CA GLU A 230 13.87 12.73 -1.36
C GLU A 230 14.84 13.24 -2.42
N TYR A 231 15.26 14.50 -2.27
CA TYR A 231 16.24 15.12 -3.17
C TYR A 231 17.52 14.28 -3.31
N LEU A 232 17.95 13.67 -2.20
CA LEU A 232 19.13 12.79 -2.22
C LEU A 232 18.87 11.45 -2.91
N GLY A 233 17.63 11.22 -3.34
CA GLY A 233 17.27 10.01 -4.06
C GLY A 233 16.97 8.82 -3.17
N PHE A 234 16.50 9.10 -1.95
CA PHE A 234 16.07 8.05 -1.02
C PHE A 234 14.60 8.24 -0.63
N LYS A 235 13.90 7.13 -0.41
CA LYS A 235 12.58 7.19 0.19
C LYS A 235 12.72 7.48 1.70
N PRO A 236 12.17 8.63 2.16
CA PRO A 236 12.17 8.95 3.57
C PRO A 236 10.98 8.33 4.30
N PHE A 237 11.15 8.10 5.59
CA PHE A 237 10.13 7.53 6.46
C PHE A 237 10.18 8.29 7.78
N VAL A 238 9.08 8.30 8.52
CA VAL A 238 9.02 9.07 9.76
C VAL A 238 8.80 8.13 10.96
N SER A 239 9.53 8.38 12.04
CA SER A 239 9.38 7.58 13.27
C SER A 239 8.36 8.23 14.19
N GLY A 240 7.61 7.40 14.91
CA GLY A 240 6.55 7.87 15.82
C GLY A 240 5.69 8.96 15.26
N SER A 241 5.52 10.03 16.03
CA SER A 241 4.82 11.23 15.58
C SER A 241 5.80 12.31 15.12
N GLY A 242 6.94 11.90 14.55
CA GLY A 242 8.03 12.83 14.28
C GLY A 242 8.86 12.96 15.57
N SER A 243 10.00 13.65 15.51
N SER A 243 10.00 13.63 15.51
CA SER A 243 10.45 14.42 14.36
CA SER A 243 10.42 14.40 14.34
C SER A 243 11.38 13.68 13.39
C SER A 243 11.37 13.68 13.39
N THR A 244 11.92 12.55 13.83
CA THR A 244 12.96 11.85 13.05
C THR A 244 12.49 11.30 11.71
N VAL A 245 13.22 11.68 10.67
CA VAL A 245 13.07 11.11 9.33
C VAL A 245 14.20 10.12 9.14
N TYR A 246 13.89 8.92 8.67
CA TYR A 246 14.92 7.92 8.39
C TYR A 246 14.85 7.40 6.95
N PHE A 247 15.93 6.77 6.51
CA PHE A 247 15.96 6.14 5.19
C PHE A 247 16.93 4.96 5.19
N PHE A 248 16.75 4.06 4.23
CA PHE A 248 17.60 2.88 4.12
C PHE A 248 18.77 3.14 3.14
N GLY A 249 19.86 3.62 3.71
CA GLY A 249 21.07 3.94 2.95
C GLY A 249 22.00 4.65 3.90
N GLY A 250 23.23 4.92 3.45
CA GLY A 250 24.23 5.59 4.27
C GLY A 250 24.16 7.09 4.13
N ALA A 251 24.81 7.78 5.06
CA ALA A 251 24.93 9.24 5.00
C ALA A 251 26.07 9.62 4.06
N SER A 252 25.76 10.49 3.11
CA SER A 252 26.75 11.02 2.17
C SER A 252 27.30 12.32 2.73
N GLU A 253 28.43 12.77 2.18
CA GLU A 253 29.04 14.04 2.59
C GLU A 253 28.14 15.23 2.32
N GLU A 254 27.34 15.14 1.25
CA GLU A 254 26.36 16.17 0.91
C GLU A 254 25.29 16.32 2.01
N LEU A 255 24.80 15.17 2.51
CA LEU A 255 23.85 15.15 3.61
C LEU A 255 24.48 15.70 4.89
N LYS A 256 25.60 15.10 5.31
CA LYS A 256 26.36 15.54 6.49
C LYS A 256 26.59 17.05 6.54
N LYS A 257 27.07 17.62 5.43
CA LYS A 257 27.35 19.06 5.35
C LYS A 257 26.08 19.92 5.47
N ALA A 258 25.01 19.49 4.79
CA ALA A 258 23.74 20.22 4.86
C ALA A 258 23.11 20.07 6.24
N ALA A 259 23.37 18.93 6.89
CA ALA A 259 22.91 18.70 8.26
C ALA A 259 23.61 19.65 9.24
N LYS A 260 24.94 19.71 9.18
CA LYS A 260 25.71 20.63 10.04
C LYS A 260 25.28 22.09 9.88
N MET A 261 24.91 22.49 8.67
CA MET A 261 24.45 23.84 8.40
C MET A 261 23.10 24.15 9.02
N ARG A 262 22.25 23.13 9.14
N ARG A 262 22.25 23.14 9.16
CA ARG A 262 20.90 23.26 9.70
CA ARG A 262 20.92 23.32 9.74
C ARG A 262 20.81 22.79 11.17
C ARG A 262 20.72 22.59 11.08
N GLY A 263 21.81 22.06 11.62
CA GLY A 263 21.83 21.50 12.98
C GLY A 263 21.15 20.14 13.12
N TRP A 264 20.97 19.45 11.99
CA TRP A 264 20.33 18.15 11.99
C TRP A 264 21.31 17.10 12.49
N LYS A 265 20.87 16.25 13.39
CA LYS A 265 21.70 15.15 13.86
CA LYS A 265 21.70 15.14 13.87
C LYS A 265 21.53 13.95 12.93
N VAL A 266 22.65 13.47 12.40
CA VAL A 266 22.68 12.33 11.50
C VAL A 266 23.18 11.14 12.30
N VAL A 267 22.38 10.07 12.32
CA VAL A 267 22.76 8.88 13.06
C VAL A 267 22.83 7.69 12.10
N GLU A 268 24.05 7.20 11.90
CA GLU A 268 24.30 6.10 10.98
C GLU A 268 24.25 4.76 11.71
N LEU A 269 23.28 3.94 11.34
N LEU A 269 23.27 3.95 11.33
CA LEU A 269 23.05 2.67 12.00
CA LEU A 269 23.00 2.67 11.97
C LEU A 269 23.20 1.52 11.02
C LEU A 269 23.30 1.53 11.01
N GLU A 270 23.42 0.32 11.55
CA GLU A 270 23.45 -0.88 10.75
C GLU A 270 22.73 -1.98 11.49
N LEU A 271 21.88 -2.71 10.76
CA LEU A 271 21.12 -3.81 11.34
C LEU A 271 21.46 -5.13 10.69
N SER B 2 -26.42 -3.95 -46.21
CA SER B 2 -27.42 -2.85 -46.30
C SER B 2 -27.73 -2.25 -44.93
N HIS B 3 -27.92 -0.92 -44.90
CA HIS B 3 -28.14 -0.18 -43.66
C HIS B 3 -27.06 -0.52 -42.61
N MET B 4 -25.81 -0.53 -43.06
CA MET B 4 -24.68 -0.87 -42.19
C MET B 4 -24.42 0.24 -41.19
N ILE B 5 -24.14 -0.15 -39.95
CA ILE B 5 -23.79 0.80 -38.90
C ILE B 5 -22.42 0.48 -38.30
N LYS B 6 -21.81 1.49 -37.70
CA LYS B 6 -20.55 1.30 -37.00
C LYS B 6 -20.74 1.56 -35.51
N VAL B 7 -20.23 0.66 -34.69
N VAL B 7 -20.23 0.65 -34.69
CA VAL B 7 -20.19 0.87 -33.24
CA VAL B 7 -20.18 0.84 -33.24
C VAL B 7 -18.77 0.63 -32.70
C VAL B 7 -18.74 0.65 -32.73
N LEU B 8 -18.34 1.52 -31.81
CA LEU B 8 -17.03 1.42 -31.16
C LEU B 8 -17.10 0.54 -29.91
N SER B 9 -16.01 -0.18 -29.68
CA SER B 9 -15.92 -1.16 -28.61
C SER B 9 -14.63 -0.84 -27.85
N PRO B 10 -14.77 -0.12 -26.71
CA PRO B 10 -13.59 0.37 -26.01
C PRO B 10 -12.88 -0.70 -25.21
N ALA B 11 -11.62 -0.45 -24.88
CA ALA B 11 -10.84 -1.33 -24.01
C ALA B 11 -11.03 -0.91 -22.55
N LYS B 12 -10.48 -1.72 -21.64
CA LYS B 12 -10.33 -1.33 -20.24
C LYS B 12 -8.89 -1.56 -19.79
N ILE B 13 -8.52 -0.89 -18.71
CA ILE B 13 -7.39 -1.32 -17.89
C ILE B 13 -7.89 -1.63 -16.49
N ASN B 14 -7.21 -2.53 -15.80
CA ASN B 14 -7.40 -2.64 -14.36
C ASN B 14 -6.41 -1.71 -13.72
N LEU B 15 -6.93 -0.75 -12.96
CA LEU B 15 -6.12 0.14 -12.11
C LEU B 15 -5.99 -0.51 -10.74
N GLY B 16 -5.29 -1.63 -10.73
CA GLY B 16 -5.16 -2.44 -9.54
C GLY B 16 -6.12 -3.61 -9.55
N LEU B 17 -5.63 -4.76 -9.09
CA LEU B 17 -6.43 -5.96 -8.95
C LEU B 17 -5.92 -6.76 -7.75
N TRP B 18 -6.85 -7.32 -6.98
CA TRP B 18 -6.52 -8.14 -5.81
C TRP B 18 -7.32 -9.43 -5.86
N VAL B 19 -6.72 -10.53 -5.44
CA VAL B 19 -7.41 -11.81 -5.41
C VAL B 19 -7.70 -12.14 -3.95
N LEU B 20 -8.97 -12.33 -3.62
CA LEU B 20 -9.37 -12.59 -2.23
C LEU B 20 -9.31 -14.07 -1.88
N GLY B 21 -9.62 -14.90 -2.86
CA GLY B 21 -9.59 -16.35 -2.68
C GLY B 21 -10.19 -17.08 -3.86
N ARG B 22 -10.21 -18.41 -3.78
N ARG B 22 -10.20 -18.41 -3.78
CA ARG B 22 -10.80 -19.25 -4.81
CA ARG B 22 -10.79 -19.25 -4.84
C ARG B 22 -12.29 -19.44 -4.55
C ARG B 22 -12.24 -19.61 -4.54
N LEU B 23 -13.03 -19.75 -5.61
CA LEU B 23 -14.44 -20.11 -5.50
C LEU B 23 -14.60 -21.57 -5.96
N PRO B 24 -15.60 -22.30 -5.41
CA PRO B 24 -15.84 -23.69 -5.79
C PRO B 24 -15.94 -23.91 -7.30
N SER B 25 -16.45 -22.92 -8.02
CA SER B 25 -16.60 -22.99 -9.48
C SER B 25 -15.27 -23.05 -10.23
N GLY B 26 -14.17 -22.84 -9.51
CA GLY B 26 -12.83 -22.77 -10.11
C GLY B 26 -12.37 -21.35 -10.38
N TYR B 27 -13.32 -20.42 -10.42
CA TYR B 27 -13.02 -19.02 -10.58
C TYR B 27 -12.44 -18.43 -9.29
N HIS B 28 -12.08 -17.15 -9.33
CA HIS B 28 -11.53 -16.49 -8.16
C HIS B 28 -12.31 -15.25 -7.82
N GLU B 29 -12.51 -15.04 -6.54
CA GLU B 29 -13.12 -13.82 -6.05
C GLU B 29 -12.05 -12.74 -6.06
N ILE B 30 -12.38 -11.60 -6.67
CA ILE B 30 -11.42 -10.53 -6.85
C ILE B 30 -11.98 -9.19 -6.42
N LEU B 31 -11.10 -8.20 -6.31
N LEU B 31 -11.11 -8.20 -6.35
CA LEU B 31 -11.49 -6.80 -6.23
CA LEU B 31 -11.48 -6.80 -6.23
C LEU B 31 -10.60 -6.03 -7.20
C LEU B 31 -10.60 -6.03 -7.20
N THR B 32 -11.22 -5.20 -8.04
CA THR B 32 -10.49 -4.46 -9.06
C THR B 32 -11.17 -3.13 -9.37
N LEU B 33 -10.38 -2.19 -9.87
CA LEU B 33 -10.90 -0.95 -10.39
C LEU B 33 -10.79 -0.94 -11.92
N TYR B 34 -11.94 -1.05 -12.56
CA TYR B 34 -12.05 -1.02 -14.01
C TYR B 34 -12.04 0.42 -14.49
N GLN B 35 -11.26 0.66 -15.55
CA GLN B 35 -11.25 1.96 -16.20
C GLN B 35 -11.35 1.80 -17.71
N GLU B 36 -12.41 2.37 -18.28
CA GLU B 36 -12.58 2.42 -19.71
C GLU B 36 -11.53 3.33 -20.28
N ILE B 37 -10.93 2.91 -21.39
CA ILE B 37 -9.93 3.74 -22.06
C ILE B 37 -10.32 4.03 -23.51
N PRO B 38 -9.94 5.21 -24.01
CA PRO B 38 -10.28 5.62 -25.38
C PRO B 38 -9.44 4.90 -26.45
N PHE B 39 -9.58 3.57 -26.49
CA PHE B 39 -8.85 2.69 -27.38
C PHE B 39 -9.90 1.67 -27.80
N TYR B 40 -10.15 1.59 -29.11
CA TYR B 40 -11.36 0.93 -29.61
C TYR B 40 -11.13 -0.09 -30.72
N ASP B 41 -11.97 -1.11 -30.73
CA ASP B 41 -12.22 -1.91 -31.92
C ASP B 41 -13.35 -1.22 -32.72
N GLU B 42 -13.30 -1.34 -34.04
CA GLU B 42 -14.38 -0.84 -34.90
C GLU B 42 -15.25 -2.02 -35.31
N ILE B 43 -16.53 -1.97 -34.94
CA ILE B 43 -17.45 -3.05 -35.29
C ILE B 43 -18.47 -2.56 -36.31
N TYR B 44 -18.53 -3.26 -37.44
CA TYR B 44 -19.49 -2.93 -38.48
C TYR B 44 -20.59 -3.98 -38.50
N ILE B 45 -21.82 -3.51 -38.36
CA ILE B 45 -23.00 -4.37 -38.30
C ILE B 45 -23.92 -4.03 -39.47
N ARG B 46 -24.30 -5.06 -40.22
CA ARG B 46 -25.27 -4.90 -41.31
C ARG B 46 -26.22 -6.08 -41.38
N GLU B 47 -27.36 -5.85 -42.03
CA GLU B 47 -28.34 -6.89 -42.27
C GLU B 47 -27.78 -7.94 -43.23
N GLY B 48 -28.03 -9.20 -42.91
CA GLY B 48 -27.50 -10.33 -43.68
C GLY B 48 -27.52 -11.57 -42.83
N VAL B 49 -26.98 -12.67 -43.35
CA VAL B 49 -26.94 -13.94 -42.62
C VAL B 49 -25.98 -13.83 -41.43
N LEU B 50 -26.34 -14.47 -40.33
CA LEU B 50 -25.54 -14.42 -39.11
C LEU B 50 -24.12 -14.93 -39.30
N ARG B 51 -23.16 -14.00 -39.20
CA ARG B 51 -21.74 -14.32 -39.19
CA ARG B 51 -21.74 -14.32 -39.19
C ARG B 51 -20.97 -13.27 -38.37
N VAL B 52 -19.85 -13.70 -37.79
CA VAL B 52 -18.98 -12.81 -37.03
C VAL B 52 -17.57 -13.04 -37.53
N GLU B 53 -17.00 -12.00 -38.12
N GLU B 53 -17.01 -12.01 -38.15
CA GLU B 53 -15.66 -12.07 -38.67
CA GLU B 53 -15.66 -12.06 -38.70
C GLU B 53 -14.75 -11.00 -38.06
C GLU B 53 -14.77 -11.01 -38.03
N THR B 54 -13.48 -11.33 -37.93
CA THR B 54 -12.46 -10.36 -37.51
C THR B 54 -11.41 -10.26 -38.61
N ASN B 55 -10.55 -9.26 -38.50
CA ASN B 55 -9.40 -9.11 -39.38
C ASN B 55 -8.16 -9.85 -38.85
N ILE B 56 -8.32 -10.67 -37.81
CA ILE B 56 -7.17 -11.35 -37.21
C ILE B 56 -7.35 -12.86 -37.00
N GLY B 57 -8.22 -13.47 -37.81
CA GLY B 57 -8.36 -14.92 -37.85
C GLY B 57 -8.85 -15.62 -36.60
N ILE B 58 -9.78 -14.98 -35.89
CA ILE B 58 -10.48 -15.65 -34.80
C ILE B 58 -11.61 -16.47 -35.43
N PRO B 59 -11.58 -17.80 -35.21
CA PRO B 59 -12.69 -18.63 -35.69
C PRO B 59 -14.02 -18.12 -35.16
N GLN B 60 -15.05 -18.19 -35.99
CA GLN B 60 -16.39 -17.72 -35.62
C GLN B 60 -16.91 -18.41 -34.35
N GLU B 61 -16.84 -19.75 -34.33
CA GLU B 61 -17.28 -20.54 -33.17
C GLU B 61 -16.57 -20.17 -31.87
N GLU B 62 -15.34 -19.65 -31.98
CA GLU B 62 -14.56 -19.25 -30.80
C GLU B 62 -14.84 -17.81 -30.37
N ASN B 63 -15.49 -17.04 -31.24
CA ASN B 63 -15.72 -15.62 -31.00
C ASN B 63 -16.80 -15.39 -29.96
N LEU B 64 -16.47 -14.61 -28.93
CA LEU B 64 -17.42 -14.30 -27.83
C LEU B 64 -18.72 -13.67 -28.31
N VAL B 65 -18.64 -12.82 -29.35
CA VAL B 65 -19.81 -12.19 -29.94
C VAL B 65 -20.76 -13.20 -30.57
N TYR B 66 -20.21 -14.16 -31.31
CA TYR B 66 -21.00 -15.23 -31.93
C TYR B 66 -21.64 -16.13 -30.85
N LYS B 67 -20.83 -16.59 -29.91
CA LYS B 67 -21.31 -17.33 -28.73
C LYS B 67 -22.47 -16.58 -28.05
N GLY B 68 -22.31 -15.27 -27.88
CA GLY B 68 -23.34 -14.42 -27.29
C GLY B 68 -24.60 -14.32 -28.11
N LEU B 69 -24.45 -14.21 -29.43
CA LEU B 69 -25.60 -14.07 -30.34
C LEU B 69 -26.38 -15.36 -30.50
N ARG B 70 -25.70 -16.50 -30.41
CA ARG B 70 -26.35 -17.82 -30.42
C ARG B 70 -27.17 -18.03 -29.14
N GLU B 71 -26.64 -17.58 -28.01
CA GLU B 71 -27.35 -17.66 -26.75
C GLU B 71 -28.53 -16.70 -26.71
N PHE B 72 -28.38 -15.53 -27.31
CA PHE B 72 -29.47 -14.57 -27.48
C PHE B 72 -30.66 -15.21 -28.20
N GLU B 73 -30.38 -15.93 -29.28
CA GLU B 73 -31.40 -16.64 -30.07
C GLU B 73 -32.13 -17.69 -29.22
N ARG B 74 -31.34 -18.46 -28.45
CA ARG B 74 -31.85 -19.53 -27.61
C ARG B 74 -32.78 -19.01 -26.52
N ILE B 75 -32.35 -17.95 -25.84
CA ILE B 75 -33.07 -17.37 -24.70
C ILE B 75 -34.37 -16.68 -25.11
N THR B 76 -34.35 -15.99 -26.25
CA THR B 76 -35.47 -15.15 -26.68
C THR B 76 -36.38 -15.82 -27.72
N GLY B 77 -35.83 -16.71 -28.53
CA GLY B 77 -36.56 -17.33 -29.63
C GLY B 77 -36.35 -16.61 -30.95
N ILE B 78 -35.93 -15.35 -30.89
CA ILE B 78 -35.71 -14.51 -32.09
C ILE B 78 -34.49 -14.98 -32.89
N GLU B 79 -34.58 -14.83 -34.21
CA GLU B 79 -33.49 -15.17 -35.12
CA GLU B 79 -33.48 -15.18 -35.11
C GLU B 79 -32.67 -13.93 -35.45
N ILE B 80 -31.36 -14.00 -35.25
CA ILE B 80 -30.46 -12.86 -35.48
C ILE B 80 -29.94 -12.87 -36.91
N ASN B 81 -30.35 -11.87 -37.69
CA ASN B 81 -29.89 -11.73 -39.05
C ASN B 81 -28.97 -10.52 -39.21
N TYR B 82 -27.78 -10.65 -38.64
CA TYR B 82 -26.76 -9.60 -38.74
C TYR B 82 -25.39 -10.17 -39.09
N SER B 83 -24.73 -9.48 -40.02
CA SER B 83 -23.38 -9.78 -40.45
C SER B 83 -22.42 -8.81 -39.74
N ILE B 84 -21.61 -9.36 -38.85
CA ILE B 84 -20.72 -8.58 -37.99
C ILE B 84 -19.26 -8.68 -38.46
N PHE B 85 -18.62 -7.54 -38.68
CA PHE B 85 -17.17 -7.52 -38.87
C PHE B 85 -16.48 -6.65 -37.82
N ILE B 86 -15.52 -7.26 -37.12
CA ILE B 86 -14.78 -6.57 -36.06
C ILE B 86 -13.34 -6.27 -36.48
N GLN B 87 -13.00 -4.99 -36.52
CA GLN B 87 -11.61 -4.58 -36.74
C GLN B 87 -10.90 -4.53 -35.38
N LYS B 88 -10.08 -5.56 -35.13
CA LYS B 88 -9.46 -5.75 -33.82
C LYS B 88 -8.20 -4.90 -33.59
N ASN B 89 -8.38 -3.71 -33.06
CA ASN B 89 -7.26 -2.91 -32.56
C ASN B 89 -6.77 -3.39 -31.19
N ILE B 90 -7.71 -3.85 -30.36
CA ILE B 90 -7.39 -4.37 -29.02
C ILE B 90 -6.94 -5.82 -29.12
N PRO B 91 -5.62 -6.08 -28.94
CA PRO B 91 -5.10 -7.42 -29.16
C PRO B 91 -5.61 -8.42 -28.13
N PRO B 92 -5.91 -9.64 -28.57
CA PRO B 92 -6.32 -10.73 -27.69
C PRO B 92 -5.18 -11.11 -26.76
N GLY B 93 -5.50 -11.34 -25.49
CA GLY B 93 -4.51 -11.73 -24.48
C GLY B 93 -3.70 -10.57 -23.92
N ALA B 94 -4.16 -9.34 -24.18
CA ALA B 94 -3.45 -8.13 -23.77
C ALA B 94 -3.91 -7.65 -22.40
N GLY B 95 -4.94 -8.30 -21.85
CA GLY B 95 -5.50 -7.92 -20.55
C GLY B 95 -6.33 -6.65 -20.60
N LEU B 96 -6.86 -6.34 -21.78
CA LEU B 96 -7.61 -5.10 -22.00
C LEU B 96 -9.11 -5.34 -22.25
N GLY B 97 -9.55 -6.58 -22.03
CA GLY B 97 -10.95 -6.98 -22.19
C GLY B 97 -11.56 -6.78 -23.58
N GLY B 98 -10.74 -6.85 -24.62
CA GLY B 98 -11.20 -6.62 -25.99
C GLY B 98 -12.40 -7.45 -26.42
N GLY B 99 -12.30 -8.77 -26.26
CA GLY B 99 -13.38 -9.69 -26.58
C GLY B 99 -14.63 -9.51 -25.73
N SER B 100 -14.44 -9.20 -24.46
CA SER B 100 -15.56 -8.92 -23.54
C SER B 100 -16.29 -7.64 -23.94
N SER B 101 -15.52 -6.62 -24.29
CA SER B 101 -16.08 -5.39 -24.85
C SER B 101 -16.87 -5.68 -26.13
N ASN B 102 -16.31 -6.46 -27.05
CA ASN B 102 -16.98 -6.78 -28.30
C ASN B 102 -18.34 -7.40 -28.00
N LEU B 103 -18.33 -8.41 -27.12
CA LEU B 103 -19.55 -9.10 -26.67
C LEU B 103 -20.63 -8.16 -26.10
N ALA B 104 -20.25 -7.32 -25.12
CA ALA B 104 -21.21 -6.43 -24.46
C ALA B 104 -21.82 -5.40 -25.42
N VAL B 105 -20.95 -4.76 -26.20
CA VAL B 105 -21.33 -3.69 -27.12
C VAL B 105 -22.24 -4.16 -28.27
N VAL B 106 -21.92 -5.31 -28.84
CA VAL B 106 -22.71 -5.91 -29.93
C VAL B 106 -24.07 -6.40 -29.44
N LEU B 107 -24.08 -7.16 -28.34
CA LEU B 107 -25.32 -7.67 -27.78
C LEU B 107 -26.24 -6.56 -27.29
N LYS B 108 -25.67 -5.51 -26.69
CA LYS B 108 -26.46 -4.33 -26.33
C LYS B 108 -27.11 -3.70 -27.56
N LYS B 109 -26.32 -3.52 -28.62
CA LYS B 109 -26.81 -2.89 -29.86
C LYS B 109 -27.87 -3.74 -30.57
N VAL B 110 -27.61 -5.03 -30.70
CA VAL B 110 -28.53 -5.94 -31.36
C VAL B 110 -29.84 -6.03 -30.56
N ASN B 111 -29.74 -6.06 -29.23
CA ASN B 111 -30.91 -6.01 -28.35
C ASN B 111 -31.82 -4.82 -28.67
N GLU B 112 -31.23 -3.63 -28.80
N GLU B 112 -31.24 -3.63 -28.82
CA GLU B 112 -31.97 -2.41 -29.12
CA GLU B 112 -32.05 -2.43 -29.11
C GLU B 112 -32.59 -2.46 -30.52
C GLU B 112 -32.60 -2.42 -30.54
N LEU B 113 -31.83 -2.97 -31.48
CA LEU B 113 -32.28 -3.10 -32.88
C LEU B 113 -33.47 -4.05 -33.03
N LEU B 114 -33.58 -5.00 -32.09
CA LEU B 114 -34.68 -5.96 -32.07
C LEU B 114 -35.78 -5.58 -31.08
N GLY B 115 -35.86 -4.29 -30.75
CA GLY B 115 -36.90 -3.76 -29.87
C GLY B 115 -36.75 -4.07 -28.39
N SER B 116 -35.52 -4.34 -27.97
CA SER B 116 -35.17 -4.61 -26.56
C SER B 116 -35.93 -5.77 -25.89
N PRO B 117 -35.89 -6.99 -26.46
CA PRO B 117 -36.54 -8.14 -25.82
C PRO B 117 -35.98 -8.42 -24.43
N LEU B 118 -34.72 -8.05 -24.20
CA LEU B 118 -34.10 -8.21 -22.90
C LEU B 118 -33.96 -6.87 -22.19
N SER B 119 -34.08 -6.92 -20.87
CA SER B 119 -33.91 -5.74 -20.03
C SER B 119 -32.43 -5.58 -19.67
N GLU B 120 -32.10 -4.52 -18.94
CA GLU B 120 -30.72 -4.27 -18.51
C GLU B 120 -30.12 -5.45 -17.73
N GLU B 121 -30.90 -5.99 -16.78
CA GLU B 121 -30.44 -7.07 -15.90
C GLU B 121 -30.22 -8.37 -16.67
N GLU B 122 -31.12 -8.66 -17.60
CA GLU B 122 -31.03 -9.88 -18.41
C GLU B 122 -29.82 -9.85 -19.33
N LEU B 123 -29.60 -8.69 -19.95
CA LEU B 123 -28.42 -8.45 -20.79
C LEU B 123 -27.14 -8.59 -19.96
N ARG B 124 -27.14 -8.04 -18.75
CA ARG B 124 -26.03 -8.25 -17.79
C ARG B 124 -25.76 -9.73 -17.55
N GLU B 125 -26.81 -10.49 -17.25
N GLU B 125 -26.82 -10.49 -17.26
CA GLU B 125 -26.69 -11.93 -16.98
CA GLU B 125 -26.74 -11.93 -16.98
C GLU B 125 -26.24 -12.73 -18.20
C GLU B 125 -26.25 -12.73 -18.19
N LEU B 126 -26.71 -12.34 -19.38
CA LEU B 126 -26.33 -13.00 -20.63
C LEU B 126 -24.83 -12.83 -20.93
N VAL B 127 -24.37 -11.58 -21.03
CA VAL B 127 -22.95 -11.31 -21.32
C VAL B 127 -22.05 -11.75 -20.16
N GLY B 128 -22.56 -11.64 -18.94
CA GLY B 128 -21.84 -12.06 -17.74
C GLY B 128 -21.59 -13.55 -17.65
N SER B 129 -22.48 -14.35 -18.22
CA SER B 129 -22.36 -15.82 -18.19
C SER B 129 -21.28 -16.33 -19.13
N ILE B 130 -20.89 -15.50 -20.09
CA ILE B 130 -19.84 -15.82 -21.06
C ILE B 130 -18.48 -15.25 -20.61
N SER B 131 -18.49 -14.01 -20.13
CA SER B 131 -17.26 -13.35 -19.69
C SER B 131 -17.51 -12.45 -18.48
N ALA B 132 -16.78 -12.72 -17.40
CA ALA B 132 -16.89 -11.92 -16.16
C ALA B 132 -16.46 -10.46 -16.34
N ASP B 133 -15.67 -10.19 -17.37
CA ASP B 133 -15.24 -8.81 -17.69
C ASP B 133 -16.28 -8.05 -18.53
N ALA B 134 -17.22 -8.78 -19.12
CA ALA B 134 -18.20 -8.21 -20.08
C ALA B 134 -19.22 -7.20 -19.51
N PRO B 135 -19.85 -7.51 -18.35
CA PRO B 135 -20.80 -6.56 -17.75
C PRO B 135 -20.23 -5.16 -17.51
N PHE B 136 -18.92 -5.05 -17.23
CA PHE B 136 -18.33 -3.72 -17.09
C PHE B 136 -18.54 -2.85 -18.33
N PHE B 137 -18.50 -3.47 -19.50
CA PHE B 137 -18.61 -2.74 -20.75
C PHE B 137 -20.04 -2.30 -21.09
N LEU B 138 -20.99 -2.73 -20.28
CA LEU B 138 -22.36 -2.19 -20.35
C LEU B 138 -22.49 -0.88 -19.57
N LEU B 139 -21.50 -0.60 -18.72
CA LEU B 139 -21.43 0.62 -17.92
C LEU B 139 -20.43 1.62 -18.48
N GLY B 140 -19.24 1.13 -18.82
CA GLY B 140 -18.11 1.98 -19.22
C GLY B 140 -17.60 2.82 -18.05
N LYS B 141 -16.81 3.84 -18.38
CA LYS B 141 -16.27 4.81 -17.41
C LYS B 141 -15.39 4.15 -16.32
N SER B 142 -15.62 4.50 -15.06
CA SER B 142 -14.90 3.91 -13.93
C SER B 142 -15.84 3.12 -13.03
N ALA B 143 -15.44 1.90 -12.67
CA ALA B 143 -16.23 1.08 -11.76
C ALA B 143 -15.40 0.09 -10.95
N ILE B 144 -15.71 -0.04 -9.65
CA ILE B 144 -15.16 -1.13 -8.85
C ILE B 144 -15.87 -2.43 -9.22
N GLY B 145 -15.10 -3.46 -9.54
CA GLY B 145 -15.65 -4.77 -9.87
C GLY B 145 -15.42 -5.72 -8.72
N ARG B 146 -16.49 -6.32 -8.23
CA ARG B 146 -16.41 -7.27 -7.13
C ARG B 146 -16.95 -8.62 -7.59
N GLY B 147 -16.88 -9.61 -6.71
CA GLY B 147 -17.27 -10.96 -7.06
C GLY B 147 -16.21 -11.57 -7.95
N LYS B 148 -16.57 -11.81 -9.21
CA LYS B 148 -15.60 -12.23 -10.24
C LYS B 148 -15.26 -11.07 -11.16
N GLY B 149 -15.83 -9.91 -10.86
CA GLY B 149 -15.62 -8.68 -11.62
C GLY B 149 -16.95 -8.13 -12.11
N GLU B 150 -17.96 -9.01 -12.10
CA GLU B 150 -19.30 -8.71 -12.63
C GLU B 150 -20.20 -7.88 -11.70
N VAL B 151 -19.89 -7.87 -10.39
CA VAL B 151 -20.67 -7.07 -9.43
C VAL B 151 -20.04 -5.68 -9.38
N LEU B 152 -20.72 -4.71 -9.97
CA LEU B 152 -20.09 -3.44 -10.30
C LEU B 152 -20.63 -2.25 -9.54
N GLU B 153 -19.72 -1.36 -9.15
CA GLU B 153 -20.08 -0.10 -8.48
C GLU B 153 -19.42 1.08 -9.20
N PRO B 154 -20.21 1.86 -9.95
CA PRO B 154 -19.64 3.02 -10.63
C PRO B 154 -19.05 4.01 -9.64
N VAL B 155 -17.90 4.60 -10.01
CA VAL B 155 -17.20 5.57 -9.16
C VAL B 155 -16.63 6.69 -10.02
N GLU B 156 -16.40 7.85 -9.42
N GLU B 156 -16.42 7.85 -9.40
CA GLU B 156 -15.70 8.94 -10.10
CA GLU B 156 -15.71 8.98 -10.01
C GLU B 156 -14.32 9.09 -9.48
C GLU B 156 -14.30 9.02 -9.44
N THR B 157 -13.29 8.90 -10.31
CA THR B 157 -11.91 8.92 -9.86
C THR B 157 -11.31 10.31 -10.02
N GLU B 158 -10.18 10.53 -9.37
CA GLU B 158 -9.43 11.74 -9.55
C GLU B 158 -8.23 11.51 -10.47
N ILE B 159 -8.32 10.48 -11.30
CA ILE B 159 -7.25 10.11 -12.23
C ILE B 159 -7.49 10.72 -13.61
N SER B 160 -6.52 11.48 -14.09
CA SER B 160 -6.57 12.08 -15.42
C SER B 160 -5.17 12.22 -16.01
N GLY B 161 -5.10 12.56 -17.29
CA GLY B 161 -3.82 12.85 -17.93
C GLY B 161 -3.31 11.69 -18.75
N LYS B 162 -2.03 11.76 -19.13
CA LYS B 162 -1.44 10.78 -20.05
C LYS B 162 -1.28 9.39 -19.46
N ILE B 163 -1.68 8.39 -20.24
N ILE B 163 -1.74 8.40 -20.22
CA ILE B 163 -1.40 7.00 -19.92
CA ILE B 163 -1.45 6.99 -19.95
C ILE B 163 -1.01 6.25 -21.20
C ILE B 163 -0.92 6.38 -21.24
N THR B 164 0.12 5.55 -21.12
CA THR B 164 0.67 4.85 -22.28
C THR B 164 0.65 3.36 -22.04
N LEU B 165 0.11 2.62 -23.02
CA LEU B 165 0.13 1.17 -22.99
C LEU B 165 1.30 0.67 -23.82
N VAL B 166 1.98 -0.35 -23.31
CA VAL B 166 2.99 -1.05 -24.09
C VAL B 166 2.58 -2.51 -24.11
N ILE B 167 2.17 -2.98 -25.30
CA ILE B 167 1.61 -4.33 -25.44
C ILE B 167 2.61 -5.23 -26.20
N PRO B 168 3.17 -6.24 -25.52
CA PRO B 168 4.06 -7.17 -26.22
C PRO B 168 3.26 -8.12 -27.11
N GLN B 169 3.94 -8.88 -27.95
CA GLN B 169 3.25 -9.77 -28.89
C GLN B 169 2.60 -10.95 -28.20
N VAL B 170 3.20 -11.38 -27.09
CA VAL B 170 2.71 -12.54 -26.35
C VAL B 170 1.27 -12.38 -25.84
N SER B 171 0.49 -13.44 -25.99
CA SER B 171 -0.88 -13.49 -25.52
C SER B 171 -0.90 -14.17 -24.14
N SER B 172 -1.33 -13.42 -23.13
CA SER B 172 -1.42 -13.95 -21.76
C SER B 172 -2.73 -14.70 -21.56
N SER B 173 -2.62 -15.94 -21.06
CA SER B 173 -3.80 -16.71 -20.70
C SER B 173 -4.23 -16.36 -19.28
N THR B 174 -5.40 -15.74 -19.17
CA THR B 174 -5.98 -15.33 -17.88
C THR B 174 -6.09 -16.54 -16.96
N GLY B 175 -6.64 -17.63 -17.50
CA GLY B 175 -6.79 -18.88 -16.77
C GLY B 175 -5.50 -19.51 -16.29
N ARG B 176 -4.45 -19.44 -17.13
CA ARG B 176 -3.14 -19.98 -16.75
C ARG B 176 -2.51 -19.16 -15.62
N VAL B 177 -2.65 -17.83 -15.69
CA VAL B 177 -2.12 -16.96 -14.65
C VAL B 177 -2.84 -17.21 -13.32
N TYR B 178 -4.17 -17.23 -13.37
CA TYR B 178 -5.01 -17.50 -12.21
C TYR B 178 -4.73 -18.88 -11.61
N SER B 179 -4.31 -19.82 -12.45
CA SER B 179 -4.03 -21.19 -12.01
C SER B 179 -2.70 -21.33 -11.28
N SER B 180 -1.87 -20.30 -11.38
CA SER B 180 -0.57 -20.27 -10.71
C SER B 180 -0.62 -19.53 -9.37
N LEU B 181 -1.81 -19.10 -8.97
CA LEU B 181 -2.02 -18.45 -7.67
C LEU B 181 -1.75 -19.40 -6.50
N ARG B 182 -1.06 -18.90 -5.48
CA ARG B 182 -0.82 -19.60 -4.22
C ARG B 182 -1.43 -18.81 -3.06
N GLU B 183 -1.49 -19.42 -1.87
CA GLU B 183 -2.09 -18.80 -0.68
C GLU B 183 -1.47 -17.43 -0.36
N GLU B 184 -0.17 -17.32 -0.57
CA GLU B 184 0.59 -16.07 -0.41
C GLU B 184 0.14 -14.90 -1.29
N HIS B 185 -0.54 -15.18 -2.40
CA HIS B 185 -0.98 -14.13 -3.32
C HIS B 185 -2.30 -13.48 -2.90
N PHE B 186 -3.09 -14.19 -2.10
CA PHE B 186 -4.39 -13.70 -1.62
C PHE B 186 -4.27 -12.65 -0.52
N VAL B 187 -5.19 -11.68 -0.56
CA VAL B 187 -5.29 -10.64 0.46
C VAL B 187 -6.71 -10.57 1.01
N THR B 188 -6.89 -9.91 2.16
CA THR B 188 -8.23 -9.67 2.70
C THR B 188 -8.97 -8.61 1.88
N PRO B 189 -10.32 -8.71 1.83
CA PRO B 189 -11.10 -7.65 1.18
C PRO B 189 -10.86 -6.28 1.81
N GLU B 190 -10.65 -6.24 3.13
CA GLU B 190 -10.35 -5.00 3.85
C GLU B 190 -9.09 -4.32 3.32
N TYR B 191 -8.02 -5.09 3.15
CA TYR B 191 -6.77 -4.54 2.63
C TYR B 191 -6.98 -3.95 1.23
N ALA B 192 -7.64 -4.72 0.37
CA ALA B 192 -7.88 -4.30 -1.01
C ALA B 192 -8.82 -3.10 -1.13
N GLU B 193 -9.85 -3.05 -0.27
CA GLU B 193 -10.79 -1.92 -0.25
C GLU B 193 -10.10 -0.59 0.10
N GLU B 194 -9.19 -0.64 1.06
CA GLU B 194 -8.39 0.54 1.42
C GLU B 194 -7.54 0.98 0.22
N LYS B 195 -6.87 0.01 -0.42
CA LYS B 195 -6.05 0.29 -1.61
C LYS B 195 -6.87 0.94 -2.72
N ILE B 196 -8.02 0.35 -3.06
CA ILE B 196 -8.89 0.86 -4.12
C ILE B 196 -9.35 2.29 -3.87
N GLN B 197 -9.75 2.60 -2.63
N GLN B 197 -9.75 2.61 -2.64
CA GLN B 197 -10.17 3.96 -2.30
CA GLN B 197 -10.19 3.98 -2.31
C GLN B 197 -9.06 4.96 -2.60
C GLN B 197 -9.07 5.01 -2.50
N ARG B 198 -7.84 4.65 -2.18
CA ARG B 198 -6.67 5.52 -2.41
C ARG B 198 -6.45 5.78 -3.91
N ILE B 199 -6.52 4.72 -4.71
CA ILE B 199 -6.41 4.84 -6.17
C ILE B 199 -7.51 5.74 -6.75
N ILE B 200 -8.76 5.51 -6.34
CA ILE B 200 -9.89 6.40 -6.69
C ILE B 200 -9.59 7.88 -6.39
N SER B 201 -9.00 8.15 -5.22
N SER B 201 -9.00 8.15 -5.22
CA SER B 201 -8.64 9.51 -4.81
CA SER B 201 -8.66 9.51 -4.82
C SER B 201 -7.40 10.05 -5.53
C SER B 201 -7.55 10.13 -5.69
N GLY B 202 -6.92 9.30 -6.52
CA GLY B 202 -5.84 9.77 -7.39
C GLY B 202 -4.45 9.24 -7.06
N GLU B 203 -4.35 8.42 -6.01
CA GLU B 203 -3.03 7.92 -5.59
C GLU B 203 -2.61 6.69 -6.40
N VAL B 204 -2.10 6.94 -7.62
CA VAL B 204 -1.80 5.88 -8.59
C VAL B 204 -0.65 4.97 -8.17
N GLU B 205 0.26 5.48 -7.33
CA GLU B 205 1.36 4.67 -6.83
C GLU B 205 0.87 3.52 -5.93
N GLU B 206 -0.39 3.59 -5.51
CA GLU B 206 -1.01 2.51 -4.72
C GLU B 206 -1.51 1.34 -5.58
N ILE B 207 -1.47 1.50 -6.91
CA ILE B 207 -1.84 0.42 -7.81
C ILE B 207 -0.88 -0.75 -7.66
N GLU B 208 -1.44 -1.95 -7.56
CA GLU B 208 -0.67 -3.19 -7.62
C GLU B 208 -1.58 -4.28 -8.17
N ASN B 209 -1.00 -5.43 -8.51
CA ASN B 209 -1.71 -6.49 -9.20
C ASN B 209 -0.88 -7.76 -9.21
N VAL B 210 -1.23 -8.70 -8.35
CA VAL B 210 -0.52 -9.99 -8.26
C VAL B 210 -0.56 -10.81 -9.57
N LEU B 211 -1.65 -10.69 -10.34
CA LEU B 211 -1.73 -11.37 -11.65
C LEU B 211 -0.61 -10.90 -12.58
N GLY B 212 -0.26 -9.61 -12.48
CA GLY B 212 0.89 -9.05 -13.19
C GLY B 212 2.23 -9.60 -12.75
N ASP B 213 2.42 -9.73 -11.43
CA ASP B 213 3.60 -10.37 -10.86
C ASP B 213 3.84 -11.76 -11.47
N ILE B 214 2.77 -12.54 -11.53
CA ILE B 214 2.81 -13.91 -12.00
C ILE B 214 3.00 -13.97 -13.50
N ALA B 215 2.25 -13.14 -14.23
CA ALA B 215 2.38 -13.01 -15.69
C ALA B 215 3.81 -12.70 -16.11
N ARG B 216 4.50 -11.88 -15.32
CA ARG B 216 5.89 -11.51 -15.58
C ARG B 216 6.84 -12.71 -15.47
N GLU B 217 6.51 -13.64 -14.56
CA GLU B 217 7.29 -14.87 -14.42
CA GLU B 217 7.27 -14.90 -14.40
C GLU B 217 6.94 -15.88 -15.53
N LEU B 218 5.66 -16.02 -15.83
CA LEU B 218 5.20 -17.00 -16.82
C LEU B 218 5.57 -16.62 -18.26
N TYR B 219 5.47 -15.33 -18.57
CA TYR B 219 5.77 -14.82 -19.91
C TYR B 219 6.87 -13.78 -19.80
N PRO B 220 8.14 -14.22 -19.92
CA PRO B 220 9.29 -13.34 -19.72
C PRO B 220 9.26 -12.00 -20.48
N GLU B 221 8.63 -11.97 -21.67
N GLU B 221 8.63 -11.98 -21.66
CA GLU B 221 8.53 -10.73 -22.44
CA GLU B 221 8.52 -10.75 -22.45
C GLU B 221 7.76 -9.62 -21.71
C GLU B 221 7.76 -9.62 -21.73
N ILE B 222 6.77 -10.00 -20.92
CA ILE B 222 6.02 -9.03 -20.11
C ILE B 222 6.98 -8.38 -19.11
N ASN B 223 7.81 -9.20 -18.48
CA ASN B 223 8.87 -8.71 -17.60
C ASN B 223 9.87 -7.81 -18.32
N GLU B 224 10.19 -8.12 -19.57
CA GLU B 224 11.09 -7.30 -20.39
C GLU B 224 10.49 -5.91 -20.64
N VAL B 225 9.21 -5.85 -20.98
CA VAL B 225 8.49 -4.58 -21.12
C VAL B 225 8.50 -3.82 -19.79
N TYR B 226 8.18 -4.53 -18.71
CA TYR B 226 8.13 -3.94 -17.37
C TYR B 226 9.47 -3.29 -17.02
N ARG B 227 10.55 -4.03 -17.16
CA ARG B 227 11.89 -3.53 -16.90
C ARG B 227 12.24 -2.36 -17.81
N PHE B 228 11.78 -2.40 -19.07
CA PHE B 228 12.02 -1.31 -20.01
C PHE B 228 11.36 0.00 -19.59
N VAL B 229 10.11 -0.08 -19.13
CA VAL B 229 9.41 1.10 -18.63
C VAL B 229 10.12 1.70 -17.40
N GLU B 230 10.61 0.84 -16.52
CA GLU B 230 11.43 1.30 -15.38
C GLU B 230 12.67 2.07 -15.84
N TYR B 231 13.33 1.55 -16.87
CA TYR B 231 14.52 2.20 -17.47
C TYR B 231 14.17 3.58 -18.04
N LEU B 232 12.99 3.67 -18.66
CA LEU B 232 12.49 4.94 -19.19
C LEU B 232 12.14 5.95 -18.09
N GLY B 233 12.12 5.47 -16.83
CA GLY B 233 11.94 6.36 -15.69
C GLY B 233 10.53 6.46 -15.14
N PHE B 234 9.69 5.47 -15.43
CA PHE B 234 8.30 5.46 -14.97
C PHE B 234 8.02 4.22 -14.12
N LYS B 235 7.05 4.31 -13.22
CA LYS B 235 6.54 3.13 -12.53
C LYS B 235 5.61 2.39 -13.48
N PRO B 236 5.93 1.12 -13.81
CA PRO B 236 5.07 0.32 -14.67
C PRO B 236 3.96 -0.41 -13.88
N PHE B 237 2.82 -0.58 -14.52
CA PHE B 237 1.69 -1.29 -13.94
C PHE B 237 1.20 -2.30 -14.96
N VAL B 238 0.59 -3.38 -14.49
CA VAL B 238 0.07 -4.38 -15.40
C VAL B 238 -1.46 -4.39 -15.42
N SER B 239 -2.04 -4.53 -16.61
CA SER B 239 -3.50 -4.64 -16.75
C SER B 239 -3.93 -6.09 -16.91
N GLY B 240 -5.04 -6.45 -16.25
CA GLY B 240 -5.53 -7.84 -16.25
C GLY B 240 -4.46 -8.82 -15.79
N SER B 241 -4.38 -9.95 -16.48
CA SER B 241 -3.32 -10.94 -16.23
C SER B 241 -2.15 -10.69 -17.19
N GLY B 242 -1.98 -9.43 -17.59
CA GLY B 242 -1.14 -9.11 -18.72
C GLY B 242 -1.90 -9.41 -20.01
N SER B 243 -1.28 -9.18 -21.16
CA SER B 243 0.15 -8.85 -21.25
C SER B 243 0.48 -7.36 -21.18
N THR B 244 -0.52 -6.50 -21.15
CA THR B 244 -0.26 -5.05 -21.22
C THR B 244 0.43 -4.48 -19.98
N VAL B 245 1.45 -3.69 -20.24
CA VAL B 245 2.05 -2.86 -19.20
C VAL B 245 1.69 -1.43 -19.53
N TYR B 246 1.25 -0.70 -18.52
CA TYR B 246 0.97 0.73 -18.70
C TYR B 246 1.74 1.59 -17.72
N PHE B 247 1.87 2.87 -18.04
CA PHE B 247 2.48 3.84 -17.15
C PHE B 247 1.84 5.22 -17.36
N PHE B 248 2.03 6.11 -16.39
CA PHE B 248 1.40 7.42 -16.41
C PHE B 248 2.37 8.49 -16.93
N GLY B 249 2.43 8.58 -18.26
CA GLY B 249 3.35 9.47 -18.96
C GLY B 249 3.26 9.24 -20.46
N GLY B 250 4.06 9.98 -21.22
CA GLY B 250 4.08 9.87 -22.67
C GLY B 250 5.13 8.90 -23.18
N ALA B 251 5.03 8.57 -24.47
CA ALA B 251 6.00 7.68 -25.11
C ALA B 251 7.13 8.47 -25.76
N SER B 252 8.37 8.19 -25.34
CA SER B 252 9.54 8.80 -25.95
C SER B 252 9.87 8.13 -27.28
N GLU B 253 10.75 8.74 -28.07
CA GLU B 253 11.15 8.17 -29.34
C GLU B 253 11.89 6.86 -29.12
N GLU B 254 12.60 6.77 -28.00
CA GLU B 254 13.33 5.57 -27.64
C GLU B 254 12.40 4.37 -27.40
N LEU B 255 11.30 4.62 -26.70
CA LEU B 255 10.26 3.59 -26.52
C LEU B 255 9.65 3.22 -27.88
N LYS B 256 9.29 4.22 -28.68
CA LYS B 256 8.70 3.96 -30.00
C LYS B 256 9.63 3.12 -30.88
N LYS B 257 10.93 3.39 -30.81
CA LYS B 257 11.93 2.60 -31.52
C LYS B 257 12.03 1.18 -30.96
N ALA B 258 12.15 1.05 -29.64
CA ALA B 258 12.20 -0.27 -29.00
C ALA B 258 10.98 -1.11 -29.36
N ALA B 259 9.80 -0.48 -29.34
CA ALA B 259 8.55 -1.14 -29.66
C ALA B 259 8.48 -1.61 -31.13
N LYS B 260 8.83 -0.73 -32.05
CA LYS B 260 8.93 -1.09 -33.48
C LYS B 260 9.88 -2.29 -33.70
N MET B 261 11.02 -2.28 -33.03
CA MET B 261 12.02 -3.34 -33.15
C MET B 261 11.59 -4.68 -32.55
N ARG B 262 10.89 -4.63 -31.41
CA ARG B 262 10.54 -5.84 -30.65
C ARG B 262 9.11 -6.33 -30.92
N GLY B 263 8.37 -5.58 -31.72
CA GLY B 263 7.00 -5.95 -32.06
C GLY B 263 6.01 -5.61 -30.96
N TRP B 264 6.33 -4.58 -30.18
CA TRP B 264 5.42 -4.08 -29.16
C TRP B 264 4.51 -3.03 -29.76
N LYS B 265 3.28 -3.01 -29.31
CA LYS B 265 2.33 -1.96 -29.70
C LYS B 265 2.32 -0.90 -28.61
N VAL B 266 2.47 0.36 -29.02
CA VAL B 266 2.47 1.49 -28.10
C VAL B 266 1.20 2.31 -28.34
N VAL B 267 0.43 2.52 -27.27
CA VAL B 267 -0.84 3.25 -27.35
C VAL B 267 -0.82 4.41 -26.37
N GLU B 268 -0.86 5.63 -26.92
CA GLU B 268 -0.83 6.84 -26.12
C GLU B 268 -2.24 7.38 -25.91
N LEU B 269 -2.66 7.40 -24.65
CA LEU B 269 -4.01 7.80 -24.29
C LEU B 269 -4.02 9.03 -23.39
N GLU B 270 -5.19 9.66 -23.32
N GLU B 270 -5.16 9.71 -23.36
CA GLU B 270 -5.42 10.79 -22.43
CA GLU B 270 -5.42 10.77 -22.40
C GLU B 270 -6.70 10.50 -21.64
C GLU B 270 -6.69 10.45 -21.64
N LEU B 271 -6.59 10.47 -20.32
CA LEU B 271 -7.75 10.24 -19.46
C LEU B 271 -8.27 11.53 -18.84
#